data_4RB0
#
_entry.id   4RB0
#
_cell.length_a   69.156
_cell.length_b   78.549
_cell.length_c   66.084
_cell.angle_alpha   90.00
_cell.angle_beta   108.94
_cell.angle_gamma   90.00
#
_symmetry.space_group_name_H-M   'C 1 2 1'
#
loop_
_entity.id
_entity.type
_entity.pdbx_description
1 polymer 'DNA-binding transcriptional dual regulator of siderophore biosynthesis and transport(Fur family)'
2 non-polymer 'CITRATE ANION'
3 non-polymer 'SULFATE ION'
4 water water
#
_entity_poly.entity_id   1
_entity_poly.type   'polypeptide(L)'
_entity_poly.pdbx_seq_one_letter_code
;GH(MSE)VSRIEQRCIDKG(MSE)K(MSE)TDQRRVIAQVLSDSADHPDVEEVYRRATAKDPRISIATVYRTVRLFEEES
ILERHDFGDGRARYEEAPSEHHDHLIDVNSARVIEFTSPEIEALQREIARKHGFRLVGHRLELYGVPLTSGGDSDDK
;
_entity_poly.pdbx_strand_id   A,B
#
# COMPACT_ATOMS: atom_id res chain seq x y z
N GLY A 1 -14.48 3.21 0.77
CA GLY A 1 -14.47 3.01 -0.72
C GLY A 1 -14.48 4.33 -1.47
N HIS A 2 -13.58 4.47 -2.44
CA HIS A 2 -13.46 5.70 -3.25
C HIS A 2 -12.73 5.43 -4.52
N VAL A 4 -9.78 5.83 -7.04
CA VAL A 4 -8.35 6.17 -6.88
C VAL A 4 -8.00 7.16 -7.99
N SER A 5 -7.82 8.44 -7.62
CA SER A 5 -7.53 9.49 -8.60
C SER A 5 -6.11 9.33 -9.16
N ARG A 6 -5.80 10.00 -10.26
CA ARG A 6 -4.43 9.93 -10.82
C ARG A 6 -3.36 10.35 -9.79
N ILE A 7 -3.63 11.39 -9.01
CA ILE A 7 -2.66 11.84 -8.00
C ILE A 7 -2.57 10.83 -6.85
N GLU A 8 -3.71 10.28 -6.44
CA GLU A 8 -3.70 9.23 -5.41
C GLU A 8 -2.88 8.03 -5.86
N GLN A 9 -2.98 7.69 -7.14
CA GLN A 9 -2.18 6.60 -7.68
C GLN A 9 -0.67 6.86 -7.51
N ARG A 10 -0.25 8.10 -7.75
CA ARG A 10 1.17 8.49 -7.49
C ARG A 10 1.54 8.31 -6.01
N CYS A 11 0.62 8.71 -5.14
CA CYS A 11 0.81 8.56 -3.69
C CYS A 11 0.98 7.09 -3.29
N ILE A 12 0.16 6.23 -3.87
CA ILE A 12 0.21 4.80 -3.59
C ILE A 12 1.52 4.23 -4.15
N ASP A 13 1.94 4.70 -5.33
CA ASP A 13 3.28 4.33 -5.86
C ASP A 13 4.39 4.59 -4.84
N LYS A 14 4.26 5.68 -4.09
CA LYS A 14 5.30 6.05 -3.11
C LYS A 14 5.13 5.36 -1.76
N GLY A 15 4.05 4.60 -1.61
CA GLY A 15 3.73 3.95 -0.34
C GLY A 15 3.24 4.91 0.73
N LYS A 17 0.60 6.73 3.10
CA LYS A 17 -0.68 6.45 3.75
C LYS A 17 -1.79 7.40 3.28
N THR A 19 -4.82 8.97 4.10
CA THR A 19 -5.82 9.46 5.05
C THR A 19 -6.95 10.15 4.30
N ASP A 20 -8.10 10.32 4.95
CA ASP A 20 -9.25 11.00 4.33
C ASP A 20 -8.88 12.36 3.74
N GLN A 21 -8.11 13.16 4.48
CA GLN A 21 -7.77 14.49 4.04
C GLN A 21 -6.81 14.44 2.85
N ARG A 22 -5.82 13.56 2.88
CA ARG A 22 -4.93 13.40 1.74
C ARG A 22 -5.70 12.91 0.50
N ARG A 23 -6.66 12.00 0.70
CA ARG A 23 -7.48 11.50 -0.41
CA ARG A 23 -7.46 11.49 -0.41
C ARG A 23 -8.29 12.62 -1.07
N VAL A 24 -8.92 13.45 -0.25
CA VAL A 24 -9.66 14.62 -0.75
C VAL A 24 -8.74 15.53 -1.55
N ILE A 25 -7.58 15.84 -0.97
CA ILE A 25 -6.62 16.73 -1.62
C ILE A 25 -6.13 16.15 -2.96
N ALA A 26 -5.80 14.87 -2.95
CA ALA A 26 -5.37 14.18 -4.19
C ALA A 26 -6.47 14.25 -5.27
N GLN A 27 -7.72 14.03 -4.85
CA GLN A 27 -8.84 14.08 -5.77
C GLN A 27 -9.03 15.47 -6.36
N VAL A 28 -8.97 16.48 -5.49
CA VAL A 28 -9.08 17.88 -5.92
C VAL A 28 -7.98 18.25 -6.92
N LEU A 29 -6.73 17.88 -6.61
CA LEU A 29 -5.63 18.08 -7.54
C LEU A 29 -5.85 17.41 -8.90
N SER A 30 -6.37 16.19 -8.88
CA SER A 30 -6.58 15.40 -10.08
C SER A 30 -7.65 16.01 -10.98
N ASP A 31 -8.65 16.61 -10.34
CA ASP A 31 -9.78 17.19 -11.04
C ASP A 31 -9.61 18.64 -11.46
N SER A 32 -8.50 19.27 -11.06
CA SER A 32 -8.26 20.69 -11.33
C SER A 32 -7.82 21.02 -12.77
N ALA A 33 -6.65 20.50 -13.15
CA ALA A 33 -5.90 20.97 -14.33
C ALA A 33 -5.73 22.51 -14.45
N ASP A 34 -6.15 23.25 -13.42
C ASP A 34 -4.11 25.10 -13.69
N HIS A 35 -3.28 24.26 -13.05
CA HIS A 35 -2.24 24.79 -12.16
C HIS A 35 -2.88 25.52 -11.00
N PRO A 36 -3.66 24.81 -10.15
CA PRO A 36 -4.25 25.52 -9.02
C PRO A 36 -3.20 26.02 -8.04
N ASP A 37 -3.46 27.17 -7.40
CA ASP A 37 -2.68 27.59 -6.25
C ASP A 37 -3.25 26.98 -4.96
N VAL A 38 -2.60 27.21 -3.83
CA VAL A 38 -3.10 26.58 -2.58
C VAL A 38 -4.53 27.05 -2.21
N GLU A 39 -4.89 28.29 -2.52
CA GLU A 39 -6.24 28.79 -2.21
C GLU A 39 -7.32 28.03 -2.97
N GLU A 40 -7.04 27.78 -4.24
CA GLU A 40 -7.94 27.03 -5.12
C GLU A 40 -8.09 25.58 -4.65
N VAL A 41 -6.98 24.92 -4.31
CA VAL A 41 -7.00 23.55 -3.77
C VAL A 41 -7.81 23.56 -2.46
N TYR A 42 -7.54 24.54 -1.61
CA TYR A 42 -8.23 24.66 -0.33
C TYR A 42 -9.73 24.89 -0.50
N ARG A 43 -10.12 25.84 -1.35
CA ARG A 43 -11.59 26.04 -1.58
C ARG A 43 -12.27 24.77 -2.11
N ARG A 44 -11.62 24.05 -3.01
CA ARG A 44 -12.22 22.86 -3.59
C ARG A 44 -12.25 21.71 -2.58
N ALA A 45 -11.21 21.61 -1.75
CA ALA A 45 -11.15 20.58 -0.70
C ALA A 45 -12.21 20.82 0.38
N THR A 46 -12.38 22.07 0.81
CA THR A 46 -13.45 22.42 1.78
C THR A 46 -14.85 22.20 1.22
N ALA A 47 -14.99 22.26 -0.10
CA ALA A 47 -16.28 21.93 -0.73
C ALA A 47 -16.62 20.44 -0.51
N LYS A 48 -15.60 19.63 -0.28
CA LYS A 48 -15.78 18.19 -0.03
C LYS A 48 -15.77 17.86 1.45
N ASP A 49 -14.89 18.51 2.20
CA ASP A 49 -14.80 18.28 3.64
C ASP A 49 -14.56 19.64 4.29
N PRO A 50 -15.63 20.25 4.81
CA PRO A 50 -15.67 21.65 5.30
C PRO A 50 -14.65 21.94 6.40
N ARG A 51 -14.22 20.91 7.11
CA ARG A 51 -13.27 21.06 8.21
C ARG A 51 -11.78 20.93 7.83
N ILE A 52 -11.48 20.63 6.56
CA ILE A 52 -10.07 20.64 6.10
C ILE A 52 -9.56 22.08 6.18
N SER A 53 -8.39 22.25 6.81
CA SER A 53 -7.83 23.57 7.01
C SER A 53 -6.84 23.95 5.89
N ILE A 54 -6.60 25.26 5.74
CA ILE A 54 -5.61 25.71 4.78
C ILE A 54 -4.19 25.21 5.13
N ALA A 55 -3.87 25.17 6.43
CA ALA A 55 -2.58 24.61 6.86
C ALA A 55 -2.39 23.16 6.40
N THR A 56 -3.44 22.36 6.57
CA THR A 56 -3.40 20.96 6.15
C THR A 56 -3.22 20.86 4.63
N VAL A 57 -3.97 21.67 3.88
CA VAL A 57 -3.82 21.69 2.42
C VAL A 57 -2.39 22.07 2.05
N TYR A 58 -1.88 23.17 2.61
CA TYR A 58 -0.51 23.58 2.30
C TYR A 58 0.52 22.48 2.63
N ARG A 59 0.45 21.96 3.85
CA ARG A 59 1.42 20.92 4.25
C ARG A 59 1.36 19.68 3.35
N THR A 60 0.16 19.37 2.85
CA THR A 60 -0.04 18.17 2.04
C THR A 60 0.56 18.37 0.65
N VAL A 61 0.27 19.52 0.03
CA VAL A 61 0.84 19.77 -1.30
C VAL A 61 2.38 19.89 -1.23
N ARG A 62 2.88 20.44 -0.14
CA ARG A 62 4.33 20.51 0.08
C ARG A 62 4.92 19.11 0.20
N LEU A 63 4.29 18.25 0.99
CA LEU A 63 4.76 16.86 1.08
C LEU A 63 4.75 16.16 -0.29
N PHE A 64 3.67 16.39 -1.06
CA PHE A 64 3.56 15.77 -2.37
C PHE A 64 4.70 16.26 -3.25
N GLU A 65 4.98 17.56 -3.17
CA GLU A 65 6.11 18.12 -3.90
C GLU A 65 7.45 17.48 -3.45
N GLU A 66 7.63 17.35 -2.14
CA GLU A 66 8.88 16.75 -1.64
C GLU A 66 9.09 15.32 -2.12
N GLU A 67 7.99 14.58 -2.29
CA GLU A 67 8.04 13.18 -2.72
C GLU A 67 7.90 13.04 -4.25
N SER A 68 8.02 14.18 -4.94
CA SER A 68 7.97 14.25 -6.41
C SER A 68 6.67 13.71 -7.00
N ILE A 69 5.57 13.95 -6.31
CA ILE A 69 4.24 13.60 -6.80
C ILE A 69 3.67 14.82 -7.55
N LEU A 70 4.00 15.99 -7.02
CA LEU A 70 3.66 17.27 -7.64
C LEU A 70 4.91 18.04 -8.01
N GLU A 71 4.79 18.86 -9.04
CA GLU A 71 5.74 19.95 -9.31
C GLU A 71 5.08 21.27 -8.94
N ARG A 72 5.90 22.24 -8.52
CA ARG A 72 5.44 23.56 -8.11
C ARG A 72 6.16 24.61 -8.97
N HIS A 73 5.42 25.57 -9.53
CA HIS A 73 6.01 26.65 -10.35
C HIS A 73 5.29 27.95 -10.18
N ASP A 74 6.02 29.05 -10.37
CA ASP A 74 5.43 30.39 -10.43
C ASP A 74 5.36 30.72 -11.91
N PHE A 75 4.13 30.86 -12.43
CA PHE A 75 3.92 31.13 -13.85
C PHE A 75 3.88 32.62 -14.19
N GLY A 76 4.14 33.45 -13.19
CA GLY A 76 4.27 34.89 -13.39
C GLY A 76 3.51 35.71 -12.37
N ASP A 77 2.37 35.21 -11.93
CA ASP A 77 1.55 35.98 -11.01
C ASP A 77 2.00 35.90 -9.54
N GLY A 78 3.06 35.14 -9.26
CA GLY A 78 3.67 35.14 -7.91
C GLY A 78 3.13 34.06 -7.00
N ARG A 79 2.05 33.39 -7.44
CA ARG A 79 1.47 32.27 -6.70
C ARG A 79 2.22 30.99 -7.02
N ALA A 80 2.40 30.14 -6.01
CA ALA A 80 2.92 28.79 -6.23
C ALA A 80 1.77 27.94 -6.79
N ARG A 81 1.99 27.32 -7.95
CA ARG A 81 0.94 26.55 -8.62
C ARG A 81 1.42 25.11 -8.89
N TYR A 82 0.49 24.17 -8.79
CA TYR A 82 0.86 22.77 -8.69
C TYR A 82 0.32 21.97 -9.87
N GLU A 83 1.09 20.97 -10.29
CA GLU A 83 0.70 20.03 -11.33
C GLU A 83 1.27 18.64 -11.01
N GLU A 84 0.69 17.60 -11.60
CA GLU A 84 1.26 16.26 -11.48
C GLU A 84 2.70 16.32 -11.95
N ALA A 85 3.62 15.77 -11.17
CA ALA A 85 5.02 15.68 -11.58
C ALA A 85 5.15 14.68 -12.73
N PRO A 86 6.21 14.82 -13.57
CA PRO A 86 6.43 13.78 -14.56
C PRO A 86 6.61 12.40 -13.91
N SER A 87 6.23 11.35 -14.63
CA SER A 87 6.47 10.01 -14.15
C SER A 87 7.34 9.28 -15.17
N GLU A 88 8.19 8.38 -14.69
CA GLU A 88 9.06 7.62 -15.58
C GLU A 88 8.25 6.55 -16.30
N HIS A 89 8.52 6.35 -17.59
CA HIS A 89 7.89 5.25 -18.32
C HIS A 89 8.53 3.95 -17.92
N HIS A 90 9.86 3.94 -17.86
CA HIS A 90 10.65 2.77 -17.44
C HIS A 90 10.52 2.52 -15.96
N ASP A 91 10.53 1.24 -15.59
CA ASP A 91 10.69 0.88 -14.18
C ASP A 91 12.18 0.90 -13.82
N HIS A 92 12.48 0.85 -12.53
CA HIS A 92 13.84 1.08 -12.01
C HIS A 92 14.31 -0.10 -11.21
N LEU A 93 15.59 -0.41 -11.35
CA LEU A 93 16.33 -1.24 -10.41
C LEU A 93 17.23 -0.29 -9.61
N ILE A 94 17.12 -0.31 -8.28
CA ILE A 94 17.95 0.54 -7.42
C ILE A 94 19.11 -0.27 -6.85
N ASP A 95 20.33 0.25 -7.05
CA ASP A 95 21.49 -0.29 -6.33
C ASP A 95 21.43 0.33 -4.94
N VAL A 96 20.99 -0.44 -3.94
CA VAL A 96 20.70 0.17 -2.63
C VAL A 96 21.97 0.63 -1.92
N ASN A 97 23.10 0.03 -2.28
CA ASN A 97 24.39 0.42 -1.67
C ASN A 97 24.85 1.80 -2.10
N SER A 98 24.66 2.12 -3.37
CA SER A 98 25.12 3.37 -3.96
C SER A 98 23.99 4.39 -4.13
N ALA A 99 22.75 3.96 -3.90
CA ALA A 99 21.54 4.75 -4.21
C ALA A 99 21.53 5.23 -5.66
N ARG A 100 21.83 4.34 -6.60
CA ARG A 100 21.82 4.67 -8.03
C ARG A 100 20.69 3.93 -8.70
N VAL A 101 20.09 4.58 -9.71
CA VAL A 101 18.97 4.04 -10.49
C VAL A 101 19.48 3.42 -11.79
N ILE A 102 19.02 2.20 -12.07
CA ILE A 102 19.27 1.52 -13.33
C ILE A 102 17.92 1.30 -14.00
N GLU A 103 17.68 2.03 -15.08
CA GLU A 103 16.45 1.88 -15.86
C GLU A 103 16.42 0.53 -16.56
N PHE A 104 15.23 -0.03 -16.69
CA PHE A 104 15.04 -1.23 -17.48
C PHE A 104 13.67 -1.20 -18.09
N THR A 105 13.49 -1.97 -19.16
CA THR A 105 12.16 -2.20 -19.69
C THR A 105 12.02 -3.68 -19.98
N SER A 106 10.87 -4.24 -19.62
CA SER A 106 10.63 -5.64 -19.85
C SER A 106 9.22 -5.80 -20.38
N PRO A 107 9.08 -5.90 -21.71
CA PRO A 107 7.77 -6.18 -22.31
C PRO A 107 7.21 -7.46 -21.72
N GLU A 108 8.12 -8.40 -21.44
CA GLU A 108 7.75 -9.68 -20.85
C GLU A 108 7.10 -9.53 -19.48
N ILE A 109 7.72 -8.75 -18.61
CA ILE A 109 7.14 -8.54 -17.30
C ILE A 109 5.83 -7.76 -17.39
N GLU A 110 5.73 -6.82 -18.33
CA GLU A 110 4.46 -6.12 -18.53
C GLU A 110 3.33 -7.01 -19.01
N ALA A 111 3.65 -7.97 -19.90
CA ALA A 111 2.66 -8.94 -20.37
C ALA A 111 2.15 -9.80 -19.19
N LEU A 112 3.07 -10.19 -18.31
CA LEU A 112 2.69 -10.94 -17.10
C LEU A 112 1.79 -10.13 -16.17
N GLN A 113 2.12 -8.84 -16.02
CA GLN A 113 1.30 -7.95 -15.19
C GLN A 113 -0.11 -7.81 -15.74
N ARG A 114 -0.24 -7.70 -17.07
CA ARG A 114 -1.55 -7.73 -17.71
C ARG A 114 -2.28 -9.03 -17.43
N GLU A 115 -1.56 -10.15 -17.47
CA GLU A 115 -2.18 -11.47 -17.26
C GLU A 115 -2.70 -11.61 -15.84
N ILE A 116 -1.93 -11.11 -14.88
CA ILE A 116 -2.35 -11.13 -13.47
C ILE A 116 -3.63 -10.34 -13.26
N ALA A 117 -3.68 -9.12 -13.83
CA ALA A 117 -4.89 -8.31 -13.75
C ALA A 117 -6.06 -9.09 -14.32
N ARG A 118 -5.88 -9.62 -15.54
CA ARG A 118 -6.91 -10.40 -16.24
C ARG A 118 -7.41 -11.57 -15.40
N LYS A 119 -6.50 -12.34 -14.82
CA LYS A 119 -6.83 -13.50 -13.97
C LYS A 119 -7.69 -13.09 -12.77
N HIS A 120 -7.52 -11.85 -12.30
CA HIS A 120 -8.30 -11.34 -11.17
C HIS A 120 -9.54 -10.59 -11.58
N GLY A 121 -9.80 -10.52 -12.88
CA GLY A 121 -11.03 -9.91 -13.39
C GLY A 121 -10.91 -8.42 -13.65
N PHE A 122 -9.69 -7.98 -13.96
CA PHE A 122 -9.38 -6.56 -14.13
C PHE A 122 -8.67 -6.26 -15.44
N ARG A 123 -8.88 -5.05 -15.96
CA ARG A 123 -8.04 -4.50 -17.03
CA ARG A 123 -8.05 -4.52 -17.03
C ARG A 123 -7.00 -3.62 -16.38
N LEU A 124 -5.74 -3.84 -16.73
CA LEU A 124 -4.67 -3.05 -16.14
C LEU A 124 -4.67 -1.64 -16.72
N VAL A 125 -4.67 -0.62 -15.86
CA VAL A 125 -4.62 0.80 -16.26
C VAL A 125 -3.32 1.50 -15.81
N GLY A 126 -2.51 0.83 -15.01
CA GLY A 126 -1.24 1.45 -14.60
C GLY A 126 -0.44 0.43 -13.82
N HIS A 127 0.82 0.70 -13.62
CA HIS A 127 1.67 -0.23 -12.85
C HIS A 127 2.92 0.49 -12.49
N ARG A 128 3.53 0.12 -11.35
CA ARG A 128 4.88 0.59 -10.98
C ARG A 128 5.60 -0.57 -10.35
N LEU A 129 6.81 -0.81 -10.81
CA LEU A 129 7.65 -1.84 -10.26
C LEU A 129 8.99 -1.23 -9.91
N GLU A 130 9.44 -1.46 -8.68
CA GLU A 130 10.78 -1.03 -8.30
C GLU A 130 11.49 -2.26 -7.79
N LEU A 131 12.71 -2.49 -8.27
CA LEU A 131 13.53 -3.59 -7.79
C LEU A 131 14.67 -3.01 -6.98
N TYR A 132 15.07 -3.75 -5.92
CA TYR A 132 16.18 -3.39 -5.06
C TYR A 132 17.27 -4.43 -5.19
N GLY A 133 18.50 -4.00 -5.47
CA GLY A 133 19.58 -4.94 -5.70
C GLY A 133 20.88 -4.54 -5.02
N VAL A 134 21.76 -5.53 -4.86
CA VAL A 134 23.17 -5.25 -4.55
C VAL A 134 23.99 -5.92 -5.66
N PRO A 135 25.16 -5.32 -6.02
CA PRO A 135 25.93 -5.89 -7.11
C PRO A 135 26.31 -7.33 -6.81
N LEU A 136 26.31 -8.17 -7.85
CA LEU A 136 26.81 -9.53 -7.75
C LEU A 136 28.31 -9.50 -7.41
N VAL B 4 5.83 -22.41 20.03
CA VAL B 4 5.85 -20.94 19.74
C VAL B 4 5.18 -20.70 18.39
N SER B 5 4.00 -20.07 18.38
CA SER B 5 3.31 -19.78 17.13
C SER B 5 4.08 -18.71 16.36
N ARG B 6 3.81 -18.63 15.04
CA ARG B 6 4.47 -17.65 14.19
C ARG B 6 4.22 -16.22 14.67
N ILE B 7 2.96 -15.92 15.00
CA ILE B 7 2.59 -14.63 15.57
C ILE B 7 3.33 -14.37 16.91
N GLU B 8 3.33 -15.35 17.81
CA GLU B 8 4.07 -15.23 19.08
C GLU B 8 5.54 -14.86 18.90
N GLN B 9 6.21 -15.49 17.93
CA GLN B 9 7.60 -15.17 17.62
C GLN B 9 7.79 -13.71 17.17
N ARG B 10 6.85 -13.19 16.38
CA ARG B 10 6.86 -11.78 15.98
C ARG B 10 6.79 -10.87 17.22
N CYS B 11 5.92 -11.24 18.16
CA CYS B 11 5.78 -10.50 19.43
C CYS B 11 7.08 -10.48 20.22
N ILE B 12 7.74 -11.64 20.32
CA ILE B 12 9.03 -11.79 21.01
C ILE B 12 10.11 -10.89 20.38
N ASP B 13 10.21 -10.93 19.06
CA ASP B 13 11.13 -10.09 18.30
C ASP B 13 10.93 -8.60 18.55
N LYS B 14 9.65 -8.20 18.70
CA LYS B 14 9.31 -6.80 18.99
C LYS B 14 9.39 -6.42 20.47
N GLY B 15 9.79 -7.38 21.31
CA GLY B 15 9.90 -7.18 22.76
C GLY B 15 8.56 -6.91 23.43
N LYS B 17 5.29 -7.67 25.66
CA LYS B 17 4.91 -8.45 26.85
C LYS B 17 4.00 -9.61 26.39
N THR B 19 1.63 -12.89 27.66
CA THR B 19 0.94 -13.63 28.73
C THR B 19 0.18 -14.76 28.05
N ASP B 20 -0.39 -15.67 28.85
CA ASP B 20 -1.13 -16.80 28.30
C ASP B 20 -2.27 -16.34 27.41
N GLN B 21 -3.02 -15.33 27.84
CA GLN B 21 -4.16 -14.88 27.04
C GLN B 21 -3.71 -14.32 25.70
N ARG B 22 -2.59 -13.57 25.69
CA ARG B 22 -2.07 -13.08 24.42
C ARG B 22 -1.56 -14.20 23.55
N ARG B 23 -1.00 -15.24 24.17
CA ARG B 23 -0.55 -16.42 23.43
C ARG B 23 -1.68 -17.17 22.77
N VAL B 24 -2.81 -17.30 23.48
CA VAL B 24 -3.99 -17.97 22.93
C VAL B 24 -4.46 -17.24 21.68
N ILE B 25 -4.56 -15.92 21.77
CA ILE B 25 -4.99 -15.09 20.64
C ILE B 25 -4.02 -15.20 19.47
N ALA B 26 -2.73 -15.10 19.76
CA ALA B 26 -1.68 -15.31 18.76
C ALA B 26 -1.78 -16.69 18.09
N GLN B 27 -2.04 -17.74 18.89
CA GLN B 27 -2.17 -19.10 18.38
CA GLN B 27 -2.15 -19.09 18.37
C GLN B 27 -3.37 -19.24 17.45
N VAL B 28 -4.50 -18.67 17.88
CA VAL B 28 -5.75 -18.68 17.10
C VAL B 28 -5.49 -18.07 15.71
N LEU B 29 -4.83 -16.92 15.69
CA LEU B 29 -4.50 -16.22 14.44
C LEU B 29 -3.57 -17.05 13.55
N SER B 30 -2.56 -17.65 14.16
CA SER B 30 -1.56 -18.48 13.45
C SER B 30 -2.17 -19.75 12.86
N ASP B 31 -3.05 -20.40 13.62
CA ASP B 31 -3.67 -21.67 13.24
C ASP B 31 -4.86 -21.53 12.29
N SER B 32 -5.39 -20.32 12.14
CA SER B 32 -6.58 -20.10 11.31
C SER B 32 -6.32 -20.34 9.82
N ALA B 33 -7.15 -21.19 9.22
CA ALA B 33 -7.07 -21.54 7.81
C ALA B 33 -7.63 -20.40 6.96
N ASP B 34 -8.70 -19.78 7.46
CA ASP B 34 -9.25 -18.58 6.86
C ASP B 34 -8.56 -17.34 7.40
N HIS B 35 -9.11 -16.19 7.06
CA HIS B 35 -8.65 -14.93 7.60
C HIS B 35 -9.74 -14.49 8.50
N PRO B 36 -9.58 -14.71 9.82
CA PRO B 36 -10.69 -14.45 10.71
C PRO B 36 -10.94 -12.97 10.91
N ASP B 37 -12.21 -12.61 11.14
CA ASP B 37 -12.54 -11.29 11.66
C ASP B 37 -12.45 -11.37 13.19
N VAL B 38 -12.59 -10.25 13.87
CA VAL B 38 -12.46 -10.24 15.35
C VAL B 38 -13.45 -11.18 16.06
N GLU B 39 -14.68 -11.29 15.53
CA GLU B 39 -15.68 -12.20 16.10
C GLU B 39 -15.19 -13.65 16.08
N GLU B 40 -14.60 -14.06 14.96
CA GLU B 40 -14.07 -15.40 14.83
C GLU B 40 -12.85 -15.62 15.72
N VAL B 41 -11.99 -14.60 15.84
CA VAL B 41 -10.87 -14.65 16.79
C VAL B 41 -11.38 -14.85 18.22
N TYR B 42 -12.38 -14.07 18.62
CA TYR B 42 -12.95 -14.18 19.97
C TYR B 42 -13.56 -15.57 20.25
N ARG B 43 -14.40 -16.03 19.34
CA ARG B 43 -15.07 -17.33 19.48
C ARG B 43 -14.04 -18.46 19.61
N ARG B 44 -13.01 -18.43 18.76
CA ARG B 44 -11.96 -19.44 18.82
C ARG B 44 -11.09 -19.29 20.07
N ALA B 45 -10.83 -18.07 20.49
CA ALA B 45 -10.03 -17.83 21.70
C ALA B 45 -10.78 -18.22 22.98
N THR B 46 -12.08 -17.90 23.07
CA THR B 46 -12.83 -18.32 24.27
C THR B 46 -13.10 -19.80 24.34
N ALA B 47 -13.11 -20.49 23.19
CA ALA B 47 -13.19 -21.94 23.19
C ALA B 47 -11.94 -22.56 23.81
N LYS B 48 -10.81 -21.85 23.74
CA LYS B 48 -9.56 -22.32 24.33
C LYS B 48 -9.51 -21.94 25.81
N ASP B 49 -9.87 -20.70 26.11
CA ASP B 49 -9.90 -20.23 27.51
C ASP B 49 -11.10 -19.29 27.69
N PRO B 50 -12.17 -19.78 28.37
CA PRO B 50 -13.40 -18.99 28.42
C PRO B 50 -13.28 -17.69 29.20
N ARG B 51 -12.18 -17.49 29.92
CA ARG B 51 -11.92 -16.25 30.64
C ARG B 51 -11.49 -15.09 29.75
N ILE B 52 -11.11 -15.37 28.51
CA ILE B 52 -10.69 -14.29 27.60
C ILE B 52 -11.90 -13.42 27.19
N SER B 53 -11.79 -12.12 27.45
CA SER B 53 -12.89 -11.19 27.19
C SER B 53 -12.87 -10.70 25.74
N ILE B 54 -14.03 -10.29 25.27
CA ILE B 54 -14.15 -9.66 23.95
C ILE B 54 -13.26 -8.42 23.89
N ALA B 55 -13.23 -7.66 24.99
CA ALA B 55 -12.36 -6.48 25.12
C ALA B 55 -10.88 -6.82 24.97
N THR B 56 -10.44 -7.88 25.64
CA THR B 56 -9.05 -8.32 25.51
C THR B 56 -8.73 -8.68 24.04
N VAL B 57 -9.68 -9.30 23.34
CA VAL B 57 -9.45 -9.67 21.95
C VAL B 57 -9.24 -8.45 21.04
N TYR B 58 -10.14 -7.46 21.12
CA TYR B 58 -9.97 -6.22 20.38
C TYR B 58 -8.66 -5.52 20.71
N ARG B 59 -8.36 -5.39 22.00
CA ARG B 59 -7.15 -4.71 22.44
C ARG B 59 -5.89 -5.41 21.92
N THR B 60 -5.90 -6.75 21.97
CA THR B 60 -4.75 -7.54 21.54
C THR B 60 -4.54 -7.50 20.03
N VAL B 61 -5.62 -7.61 19.28
CA VAL B 61 -5.48 -7.55 17.81
C VAL B 61 -5.03 -6.16 17.40
N ARG B 62 -5.55 -5.15 18.11
CA ARG B 62 -5.22 -3.74 17.83
C ARG B 62 -3.79 -3.43 18.24
N LEU B 63 -3.34 -4.06 19.34
CA LEU B 63 -1.92 -4.02 19.71
C LEU B 63 -1.04 -4.70 18.65
N PHE B 64 -1.41 -5.90 18.20
CA PHE B 64 -0.67 -6.61 17.14
C PHE B 64 -0.66 -5.79 15.82
N GLU B 65 -1.73 -5.03 15.60
CA GLU B 65 -1.83 -4.09 14.47
C GLU B 65 -0.83 -2.96 14.62
N GLU B 66 -0.95 -2.20 15.72
CA GLU B 66 -0.08 -1.06 16.02
C GLU B 66 1.40 -1.44 15.93
N GLU B 67 1.70 -2.71 16.17
CA GLU B 67 3.08 -3.24 16.19
C GLU B 67 3.46 -3.89 14.84
N SER B 68 2.58 -3.73 13.85
CA SER B 68 2.74 -4.32 12.50
C SER B 68 3.06 -5.84 12.46
N ILE B 69 2.52 -6.58 13.42
CA ILE B 69 2.56 -8.06 13.41
C ILE B 69 1.34 -8.62 12.67
N LEU B 70 0.22 -7.91 12.77
CA LEU B 70 -0.96 -8.28 12.03
C LEU B 70 -1.29 -7.25 10.99
N GLU B 71 -1.86 -7.71 9.88
CA GLU B 71 -2.45 -6.80 8.90
C GLU B 71 -3.98 -6.92 8.93
N ARG B 72 -4.63 -5.78 9.04
CA ARG B 72 -6.10 -5.65 8.97
C ARG B 72 -6.42 -5.36 7.51
N HIS B 73 -7.27 -6.17 6.88
CA HIS B 73 -7.45 -6.14 5.41
C HIS B 73 -8.85 -6.51 4.97
N ASP B 74 -9.33 -5.84 3.93
CA ASP B 74 -10.63 -6.17 3.32
C ASP B 74 -10.38 -7.06 2.12
N PHE B 75 -10.71 -8.35 2.24
CA PHE B 75 -10.50 -9.32 1.17
C PHE B 75 -11.57 -9.33 0.07
N GLY B 76 -12.54 -8.42 0.14
CA GLY B 76 -13.59 -8.33 -0.88
C GLY B 76 -14.99 -8.50 -0.34
N ASP B 77 -15.11 -8.59 0.99
CA ASP B 77 -16.41 -8.73 1.67
C ASP B 77 -16.76 -7.52 2.56
N GLY B 78 -15.92 -6.49 2.52
CA GLY B 78 -16.11 -5.29 3.36
C GLY B 78 -15.81 -5.50 4.83
N ARG B 79 -15.32 -6.68 5.20
CA ARG B 79 -14.99 -6.98 6.61
C ARG B 79 -13.51 -6.76 6.91
N ALA B 80 -13.21 -6.36 8.14
CA ALA B 80 -11.83 -6.33 8.62
C ALA B 80 -11.45 -7.76 8.97
N ARG B 81 -10.56 -8.35 8.18
CA ARG B 81 -10.08 -9.68 8.47
C ARG B 81 -8.59 -9.61 8.72
N TYR B 82 -8.07 -10.58 9.46
CA TYR B 82 -6.70 -10.49 9.90
C TYR B 82 -5.84 -11.57 9.27
N GLU B 83 -4.62 -11.16 8.95
CA GLU B 83 -3.61 -12.01 8.35
C GLU B 83 -2.28 -11.67 9.02
N GLU B 84 -1.43 -12.68 9.17
CA GLU B 84 -0.05 -12.47 9.59
C GLU B 84 0.62 -11.54 8.61
N ALA B 85 1.36 -10.55 9.10
CA ALA B 85 2.19 -9.72 8.22
C ALA B 85 3.25 -10.63 7.61
N PRO B 86 3.29 -10.69 6.26
CA PRO B 86 4.06 -11.72 5.52
C PRO B 86 5.57 -11.60 5.68
N SER B 87 6.29 -12.70 5.44
CA SER B 87 7.75 -12.73 5.48
C SER B 87 8.37 -11.79 4.42
N GLU B 88 7.71 -11.72 3.27
CA GLU B 88 8.01 -10.72 2.24
C GLU B 88 6.72 -10.00 1.84
N HIS B 89 6.79 -8.68 1.67
CA HIS B 89 5.61 -7.89 1.26
C HIS B 89 4.89 -8.52 0.10
N HIS B 90 3.57 -8.62 0.21
CA HIS B 90 2.75 -9.11 -0.91
C HIS B 90 2.67 -8.02 -1.94
N ASP B 91 2.55 -8.41 -3.22
CA ASP B 91 2.30 -7.43 -4.26
C ASP B 91 0.84 -6.97 -4.23
N HIS B 92 0.56 -5.79 -4.79
CA HIS B 92 -0.77 -5.19 -4.66
C HIS B 92 -1.40 -4.91 -5.99
N LEU B 93 -2.64 -5.36 -6.14
CA LEU B 93 -3.46 -4.98 -7.29
C LEU B 93 -4.59 -4.11 -6.76
N ILE B 94 -4.62 -2.85 -7.19
CA ILE B 94 -5.53 -1.84 -6.65
C ILE B 94 -6.67 -1.64 -7.64
N ASP B 95 -7.90 -1.86 -7.17
CA ASP B 95 -9.11 -1.55 -7.94
C ASP B 95 -9.28 -0.05 -7.92
N VAL B 96 -9.11 0.61 -9.06
CA VAL B 96 -9.16 2.08 -9.06
C VAL B 96 -10.57 2.62 -8.85
N ASN B 97 -11.58 1.76 -9.02
CA ASN B 97 -12.96 2.17 -8.80
C ASN B 97 -13.33 2.24 -7.32
N SER B 98 -12.67 1.45 -6.47
CA SER B 98 -13.05 1.32 -5.04
C SER B 98 -11.90 1.53 -4.06
N ALA B 99 -10.67 1.50 -4.57
CA ALA B 99 -9.45 1.59 -3.76
C ALA B 99 -9.17 0.28 -3.00
N ARG B 100 -10.00 -0.74 -3.23
CA ARG B 100 -9.76 -2.09 -2.69
C ARG B 100 -8.39 -2.61 -3.18
N VAL B 101 -7.65 -3.19 -2.24
CA VAL B 101 -6.34 -3.78 -2.54
C VAL B 101 -6.48 -5.29 -2.56
N ILE B 102 -6.10 -5.89 -3.68
CA ILE B 102 -5.97 -7.32 -3.81
C ILE B 102 -4.48 -7.68 -3.65
N GLU B 103 -4.18 -8.40 -2.57
CA GLU B 103 -2.84 -8.87 -2.36
C GLU B 103 -2.64 -10.18 -3.11
N PHE B 104 -1.56 -10.25 -3.87
CA PHE B 104 -1.28 -11.45 -4.65
C PHE B 104 0.18 -11.82 -4.55
N THR B 105 0.49 -13.06 -4.90
CA THR B 105 1.88 -13.45 -5.07
C THR B 105 2.01 -14.12 -6.43
N SER B 106 3.14 -13.89 -7.08
CA SER B 106 3.38 -14.45 -8.38
C SER B 106 4.83 -14.93 -8.43
N PRO B 107 5.04 -16.24 -8.20
CA PRO B 107 6.38 -16.81 -8.32
C PRO B 107 6.92 -16.57 -9.72
N GLU B 108 6.00 -16.49 -10.68
CA GLU B 108 6.34 -16.22 -12.06
C GLU B 108 6.97 -14.84 -12.24
N ILE B 109 6.32 -13.78 -11.76
CA ILE B 109 6.91 -12.43 -11.85
C ILE B 109 8.22 -12.36 -11.06
N GLU B 110 8.27 -13.02 -9.90
CA GLU B 110 9.51 -13.01 -9.09
C GLU B 110 10.70 -13.61 -9.87
N ALA B 111 10.46 -14.71 -10.59
CA ALA B 111 11.50 -15.29 -11.44
C ALA B 111 12.03 -14.27 -12.48
N LEU B 112 11.13 -13.53 -13.11
CA LEU B 112 11.52 -12.50 -14.08
C LEU B 112 12.27 -11.36 -13.42
N GLN B 113 11.83 -10.99 -12.21
CA GLN B 113 12.53 -9.95 -11.44
C GLN B 113 13.97 -10.34 -11.14
N ARG B 114 14.19 -11.56 -10.69
CA ARG B 114 15.58 -12.03 -10.46
C ARG B 114 16.42 -12.01 -11.73
N GLU B 115 15.82 -12.42 -12.85
CA GLU B 115 16.52 -12.43 -14.13
C GLU B 115 16.92 -11.02 -14.56
N ILE B 116 15.97 -10.09 -14.45
CA ILE B 116 16.23 -8.69 -14.74
C ILE B 116 17.37 -8.17 -13.88
N ALA B 117 17.36 -8.47 -12.59
CA ALA B 117 18.44 -8.06 -11.69
C ALA B 117 19.77 -8.67 -12.14
N ARG B 118 19.75 -9.97 -12.41
CA ARG B 118 20.93 -10.74 -12.83
C ARG B 118 21.54 -10.18 -14.12
N LYS B 119 20.70 -9.85 -15.10
CA LYS B 119 21.23 -9.36 -16.38
C LYS B 119 21.95 -8.00 -16.25
N HIS B 120 21.58 -7.22 -15.25
CA HIS B 120 22.22 -5.93 -14.99
C HIS B 120 23.33 -6.01 -13.99
N GLY B 121 23.59 -7.22 -13.50
CA GLY B 121 24.75 -7.50 -12.66
C GLY B 121 24.46 -7.43 -11.18
N PHE B 122 23.20 -7.68 -10.80
CA PHE B 122 22.73 -7.53 -9.41
C PHE B 122 22.08 -8.79 -8.86
N ARG B 123 22.21 -8.99 -7.55
CA ARG B 123 21.37 -9.93 -6.82
C ARG B 123 20.15 -9.16 -6.33
N LEU B 124 18.97 -9.70 -6.60
CA LEU B 124 17.73 -9.05 -6.14
C LEU B 124 17.58 -9.22 -4.63
N VAL B 125 17.33 -8.11 -3.93
CA VAL B 125 17.16 -8.15 -2.49
C VAL B 125 15.75 -7.70 -2.03
N GLY B 126 14.93 -7.21 -2.95
CA GLY B 126 13.54 -6.86 -2.60
C GLY B 126 12.88 -6.20 -3.79
N HIS B 127 11.57 -5.95 -3.70
CA HIS B 127 10.83 -5.25 -4.76
C HIS B 127 9.57 -4.70 -4.18
N ARG B 128 8.97 -3.76 -4.90
CA ARG B 128 7.62 -3.29 -4.61
C ARG B 128 6.90 -3.21 -5.94
N LEU B 129 5.77 -3.89 -6.04
CA LEU B 129 4.98 -3.89 -7.26
C LEU B 129 3.55 -3.47 -6.94
N GLU B 130 3.07 -2.45 -7.64
CA GLU B 130 1.68 -2.03 -7.57
C GLU B 130 1.07 -2.13 -8.96
N LEU B 131 -0.07 -2.78 -9.06
CA LEU B 131 -0.86 -2.81 -10.29
C LEU B 131 -2.16 -2.08 -10.03
N TYR B 132 -2.63 -1.34 -11.04
CA TYR B 132 -3.88 -0.59 -10.92
C TYR B 132 -4.81 -1.07 -12.01
N GLY B 133 -6.01 -1.50 -11.61
CA GLY B 133 -6.95 -2.09 -12.55
C GLY B 133 -8.35 -1.56 -12.42
N VAL B 134 -9.13 -1.68 -13.50
CA VAL B 134 -10.58 -1.50 -13.46
C VAL B 134 -11.24 -2.85 -13.72
N PRO B 135 -12.37 -3.12 -13.03
CA PRO B 135 -13.04 -4.39 -13.22
C PRO B 135 -13.48 -4.58 -14.64
N LEU B 136 -13.27 -5.78 -15.16
CA LEU B 136 -13.82 -6.16 -16.45
C LEU B 136 -15.33 -6.28 -16.36
#